data_2NPS
#
_entry.id   2NPS
#
_cell.length_a   252.882
_cell.length_b   28.657
_cell.length_c   41.887
_cell.angle_alpha   90.00
_cell.angle_beta   98.25
_cell.angle_gamma   90.00
#
_symmetry.space_group_name_H-M   'C 1 2 1'
#
loop_
_entity.id
_entity.type
_entity.pdbx_description
1 polymer 'Vesicle-associated membrane protein 4'
2 polymer 'Syntaxin 13'
3 polymer 'Vesicle transport through interaction with t-SNAREs homolog 1A'
4 polymer Syntaxin-6
5 water water
#
loop_
_entity_poly.entity_id
_entity_poly.type
_entity_poly.pdbx_seq_one_letter_code
_entity_poly.pdbx_strand_id
1 'polypeptide(L)' GSMGPRNDKIKHVQNQVDEVIDVMQENITKVIERGERLDELQDKSESLSDNATAFSNRSKQLRRQMWWRGCKIK A
2 'polypeptide(L)' GSMRETAIQQLEADILDVNQIFKDLAMMIHDQGDLIDSIEANVESSEVHVERASDQLQRAAYYQKKSRKKM B
3 'polypeptide(L)'
;GSMRAHLLDNTERLERSSRRLEAGYQIAVETEQIGQEMLENLSHDRERIQRARERLRETDANLGKSSRILTGMLRRIIQN
R
;
C
4 'polypeptide(L)'
;GSHMASMTGGNNMGRMQDEQLELVSGSIGVLKNMSQRIGGELEEQAVMLEDFSHELESTQSRLDNVMKKLAKVSHMTSDR
RQ
;
D
#
# COMPACT_ATOMS: atom_id res chain seq x y z
N ARG A 6 41.85 17.95 9.35
CA ARG A 6 40.42 17.60 9.20
C ARG A 6 40.11 16.14 9.61
N ASN A 7 39.10 15.61 8.92
CA ASN A 7 38.55 14.25 9.07
C ASN A 7 37.16 14.39 9.68
N ASP A 8 37.04 14.06 10.98
CA ASP A 8 35.77 14.17 11.69
C ASP A 8 34.92 15.32 11.16
N LYS A 9 33.93 14.92 10.39
CA LYS A 9 32.98 15.76 9.68
C LYS A 9 32.84 14.86 8.45
N ILE A 10 33.45 13.70 8.64
CA ILE A 10 33.45 12.55 7.74
C ILE A 10 32.86 11.51 8.67
N LYS A 11 33.63 11.16 9.69
CA LYS A 11 33.17 10.20 10.68
C LYS A 11 31.80 10.69 11.15
N HIS A 12 31.74 11.93 11.65
CA HIS A 12 30.46 12.50 12.09
C HIS A 12 29.76 13.09 10.86
N VAL A 13 29.60 12.27 9.85
CA VAL A 13 28.93 12.60 8.59
C VAL A 13 28.78 11.30 7.83
N GLN A 14 29.60 10.34 8.23
CA GLN A 14 29.55 9.02 7.65
C GLN A 14 28.34 8.41 8.28
N ASN A 15 28.50 7.93 9.50
CA ASN A 15 27.45 7.28 10.28
C ASN A 15 26.11 8.01 10.29
N GLN A 16 26.10 9.14 9.60
CA GLN A 16 24.91 9.95 9.42
C GLN A 16 24.19 9.19 8.31
N VAL A 17 25.00 8.72 7.37
CA VAL A 17 24.60 7.93 6.21
C VAL A 17 24.19 6.57 6.69
N ASP A 18 25.05 5.99 7.52
CA ASP A 18 24.81 4.67 8.06
C ASP A 18 23.50 4.69 8.81
N GLU A 19 23.11 5.87 9.27
CA GLU A 19 21.84 6.01 9.99
C GLU A 19 20.73 5.91 8.95
N VAL A 20 20.82 6.72 7.90
CA VAL A 20 19.82 6.67 6.85
C VAL A 20 19.70 5.24 6.33
N ILE A 21 20.84 4.57 6.20
CA ILE A 21 20.85 3.19 5.73
C ILE A 21 20.09 2.33 6.72
N ASP A 22 20.19 2.68 8.00
CA ASP A 22 19.52 1.92 9.05
C ASP A 22 18.01 2.09 8.98
N VAL A 23 17.56 3.30 8.69
CA VAL A 23 16.14 3.61 8.59
C VAL A 23 15.55 2.95 7.34
N MET A 24 16.25 3.12 6.22
CA MET A 24 15.79 2.56 4.96
C MET A 24 15.72 1.04 5.01
N GLN A 25 16.72 0.43 5.65
CA GLN A 25 16.74 -1.01 5.77
C GLN A 25 15.48 -1.49 6.47
N GLU A 26 15.05 -0.75 7.49
CA GLU A 26 13.84 -1.11 8.21
C GLU A 26 12.67 -0.88 7.30
N ASN A 27 12.73 0.23 6.57
CA ASN A 27 11.69 0.56 5.61
C ASN A 27 11.43 -0.55 4.60
N ILE A 28 12.47 -1.17 4.03
CA ILE A 28 12.23 -2.25 3.06
C ILE A 28 11.62 -3.46 3.74
N THR A 29 11.79 -3.56 5.05
CA THR A 29 11.24 -4.68 5.82
C THR A 29 9.77 -4.37 6.01
N LYS A 30 9.45 -3.09 6.04
CA LYS A 30 8.06 -2.68 6.21
C LYS A 30 7.35 -2.85 4.88
N VAL A 31 7.99 -2.41 3.81
CA VAL A 31 7.40 -2.54 2.48
C VAL A 31 7.15 -4.00 2.12
N ILE A 32 8.04 -4.88 2.57
CA ILE A 32 7.89 -6.31 2.31
C ILE A 32 6.67 -6.78 3.08
N GLU A 33 6.54 -6.28 4.30
CA GLU A 33 5.41 -6.61 5.13
C GLU A 33 4.16 -6.06 4.47
N ARG A 34 4.27 -4.85 3.94
CA ARG A 34 3.14 -4.20 3.28
C ARG A 34 2.71 -5.00 2.04
N GLY A 35 3.67 -5.53 1.29
CA GLY A 35 3.35 -6.30 0.11
C GLY A 35 2.55 -7.53 0.50
N GLU A 36 2.95 -8.18 1.59
CA GLU A 36 2.29 -9.38 2.09
C GLU A 36 0.86 -9.12 2.53
N ARG A 37 0.63 -7.97 3.16
CA ARG A 37 -0.70 -7.65 3.60
C ARG A 37 -1.53 -7.28 2.38
N LEU A 38 -0.91 -6.61 1.41
CA LEU A 38 -1.65 -6.27 0.20
C LEU A 38 -2.04 -7.57 -0.50
N ASP A 39 -1.15 -8.55 -0.45
CA ASP A 39 -1.40 -9.85 -1.05
C ASP A 39 -2.61 -10.54 -0.41
N GLU A 40 -2.72 -10.47 0.91
CA GLU A 40 -3.84 -11.09 1.58
C GLU A 40 -5.12 -10.28 1.27
N LEU A 41 -4.98 -8.96 1.20
CA LEU A 41 -6.11 -8.08 0.92
C LEU A 41 -6.69 -8.36 -0.45
N GLN A 42 -5.81 -8.63 -1.39
CA GLN A 42 -6.20 -8.90 -2.75
C GLN A 42 -6.90 -10.25 -2.83
N ASP A 43 -6.43 -11.22 -2.05
CA ASP A 43 -7.06 -12.52 -2.05
C ASP A 43 -8.46 -12.46 -1.43
N LYS A 44 -8.61 -11.73 -0.33
CA LYS A 44 -9.91 -11.60 0.31
C LYS A 44 -10.90 -10.78 -0.49
N SER A 45 -10.48 -9.64 -1.02
CA SER A 45 -11.40 -8.82 -1.82
C SER A 45 -11.79 -9.59 -3.08
N GLU A 46 -11.03 -10.63 -3.34
CA GLU A 46 -11.23 -11.52 -4.46
C GLU A 46 -12.37 -12.50 -4.20
N SER A 47 -12.38 -13.08 -3.00
CA SER A 47 -13.46 -14.00 -2.62
C SER A 47 -14.74 -13.22 -2.47
N LEU A 48 -14.62 -12.00 -1.97
CA LEU A 48 -15.78 -11.14 -1.78
C LEU A 48 -16.41 -10.92 -3.13
N SER A 49 -15.58 -10.51 -4.08
CA SER A 49 -16.03 -10.26 -5.43
C SER A 49 -16.66 -11.52 -5.98
N ASP A 50 -15.98 -12.64 -5.84
CA ASP A 50 -16.55 -13.89 -6.32
C ASP A 50 -17.88 -14.08 -5.63
N ASN A 51 -17.91 -13.93 -4.31
CA ASN A 51 -19.16 -14.10 -3.58
C ASN A 51 -20.22 -13.05 -3.88
N ALA A 52 -19.81 -11.81 -4.10
CA ALA A 52 -20.75 -10.75 -4.40
C ALA A 52 -21.48 -11.07 -5.70
N THR A 53 -20.74 -11.63 -6.65
CA THR A 53 -21.29 -11.96 -7.94
C THR A 53 -22.24 -13.13 -7.83
N ALA A 54 -21.82 -14.16 -7.10
CA ALA A 54 -22.64 -15.35 -6.90
C ALA A 54 -23.94 -14.92 -6.20
N PHE A 55 -23.80 -13.94 -5.31
CA PHE A 55 -24.95 -13.41 -4.60
C PHE A 55 -25.90 -12.76 -5.60
N SER A 56 -25.35 -11.89 -6.45
CA SER A 56 -26.15 -11.21 -7.45
C SER A 56 -26.90 -12.19 -8.37
N ASN A 57 -26.23 -13.27 -8.74
CA ASN A 57 -26.85 -14.26 -9.59
C ASN A 57 -27.97 -14.98 -8.86
N ARG A 58 -27.78 -15.22 -7.56
CA ARG A 58 -28.80 -15.90 -6.76
C ARG A 58 -30.00 -14.97 -6.53
N SER A 59 -29.75 -13.67 -6.46
CA SER A 59 -30.85 -12.71 -6.29
C SER A 59 -31.70 -12.63 -7.57
N LYS A 60 -31.05 -12.71 -8.73
CA LYS A 60 -31.79 -12.68 -9.98
C LYS A 60 -32.70 -13.91 -10.00
N GLN A 61 -32.16 -15.05 -9.56
CA GLN A 61 -32.93 -16.29 -9.54
C GLN A 61 -34.08 -16.17 -8.57
N LEU A 62 -33.83 -15.54 -7.44
CA LEU A 62 -34.88 -15.38 -6.45
C LEU A 62 -36.06 -14.57 -7.03
N ARG A 63 -35.73 -13.52 -7.78
CA ARG A 63 -36.72 -12.69 -8.45
C ARG A 63 -37.51 -13.52 -9.48
N ARG A 64 -36.83 -14.27 -10.33
CA ARG A 64 -37.53 -15.08 -11.31
C ARG A 64 -38.37 -16.13 -10.60
N GLN A 65 -37.82 -16.71 -9.55
CA GLN A 65 -38.53 -17.73 -8.79
C GLN A 65 -39.76 -17.14 -8.10
N MET A 66 -39.65 -15.91 -7.62
CA MET A 66 -40.78 -15.24 -6.97
C MET A 66 -41.83 -14.87 -8.02
N TRP A 67 -41.39 -14.76 -9.28
CA TRP A 67 -42.29 -14.44 -10.37
C TRP A 67 -42.57 -15.73 -11.10
N TRP A 68 -43.53 -16.51 -10.60
CA TRP A 68 -43.89 -17.78 -11.22
C TRP A 68 -44.78 -18.63 -10.32
N GLY B 1 45.84 11.68 7.88
CA GLY B 1 46.64 11.19 6.74
C GLY B 1 45.78 10.83 5.55
N SER B 2 46.00 9.64 5.00
CA SER B 2 45.23 9.15 3.87
C SER B 2 44.06 8.29 4.35
N MET B 3 43.80 8.34 5.65
CA MET B 3 42.69 7.61 6.28
C MET B 3 41.48 8.54 6.18
N ARG B 4 41.76 9.70 5.60
CA ARG B 4 40.79 10.76 5.35
C ARG B 4 40.47 10.66 3.85
N GLU B 5 41.34 9.93 3.16
CA GLU B 5 41.22 9.69 1.71
C GLU B 5 40.34 8.46 1.49
N THR B 6 40.53 7.45 2.34
CA THR B 6 39.77 6.21 2.26
C THR B 6 38.38 6.49 2.82
N ALA B 7 38.34 7.18 3.95
CA ALA B 7 37.10 7.53 4.61
C ALA B 7 36.14 8.24 3.67
N ILE B 8 36.68 9.16 2.87
CA ILE B 8 35.86 9.90 1.93
C ILE B 8 35.39 8.96 0.83
N GLN B 9 36.12 7.86 0.65
CA GLN B 9 35.73 6.91 -0.37
C GLN B 9 34.60 6.06 0.18
N GLN B 10 34.74 5.64 1.43
CA GLN B 10 33.72 4.84 2.09
C GLN B 10 32.45 5.69 2.09
N LEU B 11 32.60 6.95 2.47
CA LEU B 11 31.48 7.88 2.50
C LEU B 11 30.69 7.87 1.20
N GLU B 12 31.37 8.14 0.08
CA GLU B 12 30.72 8.17 -1.23
C GLU B 12 30.14 6.81 -1.59
N ALA B 13 30.89 5.76 -1.29
CA ALA B 13 30.42 4.41 -1.55
C ALA B 13 29.13 4.23 -0.79
N ASP B 14 29.15 4.61 0.49
CA ASP B 14 27.97 4.48 1.31
C ASP B 14 26.83 5.39 0.84
N ILE B 15 27.18 6.52 0.23
CA ILE B 15 26.13 7.39 -0.28
C ILE B 15 25.48 6.70 -1.49
N LEU B 16 26.26 5.90 -2.21
CA LEU B 16 25.71 5.18 -3.35
C LEU B 16 24.74 4.13 -2.87
N ASP B 17 25.01 3.61 -1.67
CA ASP B 17 24.17 2.58 -1.06
C ASP B 17 22.80 3.15 -0.81
N VAL B 18 22.74 4.32 -0.18
CA VAL B 18 21.45 4.92 0.11
C VAL B 18 20.72 5.11 -1.21
N ASN B 19 21.40 5.68 -2.20
CA ASN B 19 20.77 5.90 -3.49
C ASN B 19 20.18 4.61 -4.02
N GLN B 20 20.90 3.52 -3.79
CA GLN B 20 20.41 2.24 -4.25
C GLN B 20 19.20 1.81 -3.43
N ILE B 21 19.32 1.86 -2.10
CA ILE B 21 18.22 1.46 -1.26
C ILE B 21 16.97 2.31 -1.53
N PHE B 22 17.17 3.60 -1.82
CA PHE B 22 16.04 4.44 -2.13
C PHE B 22 15.39 4.01 -3.44
N LYS B 23 16.19 3.67 -4.43
CA LYS B 23 15.62 3.22 -5.70
C LYS B 23 14.88 1.92 -5.39
N ASP B 24 15.54 1.01 -4.69
CA ASP B 24 14.92 -0.26 -4.32
C ASP B 24 13.56 -0.07 -3.66
N LEU B 25 13.49 0.82 -2.67
CA LEU B 25 12.25 1.05 -1.96
C LEU B 25 11.19 1.61 -2.90
N ALA B 26 11.56 2.61 -3.67
CA ALA B 26 10.64 3.24 -4.62
C ALA B 26 10.06 2.19 -5.56
N MET B 27 10.92 1.33 -6.08
CA MET B 27 10.52 0.26 -6.99
C MET B 27 9.50 -0.66 -6.31
N MET B 28 9.80 -1.11 -5.10
CA MET B 28 8.90 -1.98 -4.37
C MET B 28 7.53 -1.35 -4.16
N ILE B 29 7.51 -0.10 -3.74
CA ILE B 29 6.27 0.62 -3.50
C ILE B 29 5.49 0.76 -4.79
N HIS B 30 6.19 1.06 -5.88
CA HIS B 30 5.52 1.23 -7.16
C HIS B 30 4.89 -0.05 -7.67
N ASP B 31 5.57 -1.17 -7.47
CA ASP B 31 5.07 -2.45 -7.93
C ASP B 31 3.85 -2.93 -7.15
N GLN B 32 3.75 -2.50 -5.89
CA GLN B 32 2.62 -2.88 -5.05
C GLN B 32 1.34 -2.17 -5.46
N GLY B 33 1.50 -1.08 -6.20
CA GLY B 33 0.35 -0.34 -6.66
C GLY B 33 -0.52 -1.19 -7.58
N ASP B 34 0.00 -2.31 -8.07
CA ASP B 34 -0.80 -3.18 -8.92
C ASP B 34 -1.66 -4.05 -8.02
N LEU B 35 -1.16 -4.33 -6.82
CA LEU B 35 -1.96 -5.09 -5.87
C LEU B 35 -3.15 -4.18 -5.51
N ILE B 36 -2.86 -2.91 -5.26
CA ILE B 36 -3.89 -1.95 -4.92
C ILE B 36 -4.91 -1.81 -6.05
N ASP B 37 -4.45 -1.97 -7.28
CA ASP B 37 -5.33 -1.91 -8.45
C ASP B 37 -6.34 -3.05 -8.37
N SER B 38 -5.86 -4.23 -7.97
CA SER B 38 -6.68 -5.41 -7.88
C SER B 38 -7.70 -5.31 -6.78
N ILE B 39 -7.22 -4.94 -5.61
CA ILE B 39 -8.02 -4.78 -4.42
C ILE B 39 -9.14 -3.80 -4.73
N GLU B 40 -8.74 -2.65 -5.24
CA GLU B 40 -9.63 -1.56 -5.63
C GLU B 40 -10.70 -2.04 -6.59
N ALA B 41 -10.29 -2.80 -7.59
CA ALA B 41 -11.23 -3.32 -8.58
C ALA B 41 -12.15 -4.35 -7.98
N ASN B 42 -11.61 -5.20 -7.11
CA ASN B 42 -12.38 -6.24 -6.45
C ASN B 42 -13.48 -5.70 -5.58
N VAL B 43 -13.17 -4.69 -4.79
CA VAL B 43 -14.15 -4.06 -3.93
C VAL B 43 -15.19 -3.34 -4.77
N GLU B 44 -14.74 -2.66 -5.81
CA GLU B 44 -15.63 -1.95 -6.70
C GLU B 44 -16.66 -2.93 -7.22
N SER B 45 -16.17 -4.05 -7.74
CA SER B 45 -17.01 -5.10 -8.27
C SER B 45 -17.99 -5.60 -7.19
N SER B 46 -17.51 -5.84 -5.99
CA SER B 46 -18.36 -6.29 -4.90
C SER B 46 -19.48 -5.27 -4.64
N GLU B 47 -19.09 -4.00 -4.57
CA GLU B 47 -20.00 -2.90 -4.34
C GLU B 47 -21.09 -2.88 -5.41
N VAL B 48 -20.67 -2.98 -6.66
CA VAL B 48 -21.60 -2.97 -7.79
C VAL B 48 -22.53 -4.16 -7.74
N HIS B 49 -22.00 -5.34 -7.44
CA HIS B 49 -22.82 -6.53 -7.41
C HIS B 49 -23.76 -6.65 -6.21
N VAL B 50 -23.30 -6.20 -5.05
CA VAL B 50 -24.15 -6.23 -3.87
C VAL B 50 -25.28 -5.25 -4.11
N GLU B 51 -24.96 -4.13 -4.74
CA GLU B 51 -25.95 -3.09 -5.05
C GLU B 51 -26.96 -3.59 -6.08
N ARG B 52 -26.45 -4.32 -7.06
CA ARG B 52 -27.31 -4.89 -8.08
C ARG B 52 -28.21 -5.95 -7.43
N ALA B 53 -27.64 -6.77 -6.55
CA ALA B 53 -28.40 -7.83 -5.90
C ALA B 53 -29.53 -7.32 -5.01
N SER B 54 -29.31 -6.20 -4.34
CA SER B 54 -30.31 -5.63 -3.46
C SER B 54 -31.51 -5.19 -4.26
N ASP B 55 -31.26 -4.68 -5.46
CA ASP B 55 -32.36 -4.24 -6.32
C ASP B 55 -33.11 -5.44 -6.92
N GLN B 56 -32.43 -6.58 -7.06
CA GLN B 56 -33.09 -7.79 -7.57
C GLN B 56 -33.95 -8.39 -6.44
N LEU B 57 -33.53 -8.13 -5.21
CA LEU B 57 -34.24 -8.64 -4.05
C LEU B 57 -35.51 -7.84 -3.80
N GLN B 58 -35.46 -6.55 -4.11
CA GLN B 58 -36.65 -5.70 -3.95
C GLN B 58 -37.70 -6.12 -4.96
N ARG B 59 -37.24 -6.50 -6.13
CA ARG B 59 -38.13 -6.96 -7.17
C ARG B 59 -38.70 -8.32 -6.76
N ALA B 60 -37.85 -9.14 -6.15
CA ALA B 60 -38.28 -10.46 -5.68
C ALA B 60 -39.34 -10.29 -4.63
N ALA B 61 -39.10 -9.35 -3.71
CA ALA B 61 -40.05 -9.07 -2.63
C ALA B 61 -41.38 -8.63 -3.20
N TYR B 62 -41.35 -7.66 -4.12
CA TYR B 62 -42.56 -7.16 -4.76
C TYR B 62 -43.38 -8.28 -5.37
N TYR B 63 -42.71 -9.14 -6.11
CA TYR B 63 -43.36 -10.27 -6.77
C TYR B 63 -43.91 -11.23 -5.74
N GLN B 64 -43.29 -11.29 -4.57
CA GLN B 64 -43.78 -12.18 -3.55
C GLN B 64 -45.15 -11.71 -3.06
N LYS B 65 -45.30 -10.41 -2.87
CA LYS B 65 -46.58 -9.84 -2.42
C LYS B 65 -47.55 -9.77 -3.59
N LYS B 66 -47.04 -9.49 -4.79
CA LYS B 66 -47.90 -9.43 -5.97
C LYS B 66 -48.46 -10.81 -6.26
N SER B 67 -48.06 -11.78 -5.45
CA SER B 67 -48.53 -13.16 -5.63
C SER B 67 -49.65 -13.46 -4.64
N ARG B 68 -50.56 -12.49 -4.48
CA ARG B 68 -51.69 -12.65 -3.56
C ARG B 68 -51.21 -12.81 -2.12
N GLY C 1 65.31 15.36 -5.37
CA GLY C 1 64.66 15.01 -6.68
C GLY C 1 63.19 14.67 -6.45
N SER C 2 62.86 13.40 -6.64
CA SER C 2 61.48 12.96 -6.44
C SER C 2 61.07 13.32 -5.01
N MET C 3 60.77 14.58 -4.80
CA MET C 3 60.36 15.09 -3.49
C MET C 3 59.15 15.97 -3.77
N ARG C 4 59.15 16.55 -4.95
CA ARG C 4 58.05 17.38 -5.40
C ARG C 4 57.18 16.43 -6.22
N ALA C 5 57.67 15.20 -6.37
CA ALA C 5 56.96 14.15 -7.09
C ALA C 5 55.86 13.72 -6.12
N HIS C 6 56.20 13.74 -4.85
CA HIS C 6 55.28 13.40 -3.79
C HIS C 6 54.25 14.50 -3.65
N LEU C 7 54.69 15.74 -3.85
CA LEU C 7 53.82 16.90 -3.75
C LEU C 7 52.81 16.92 -4.89
N LEU C 8 53.11 16.14 -5.92
CA LEU C 8 52.22 16.03 -7.07
C LEU C 8 51.22 14.90 -6.81
N ASP C 9 51.70 13.86 -6.15
CA ASP C 9 50.86 12.72 -5.80
C ASP C 9 49.89 13.18 -4.73
N ASN C 10 50.43 13.74 -3.67
CA ASN C 10 49.63 14.22 -2.55
C ASN C 10 48.59 15.22 -3.04
N THR C 11 48.94 16.06 -4.02
CA THR C 11 48.01 17.06 -4.52
C THR C 11 46.91 16.49 -5.43
N GLU C 12 47.19 15.36 -6.08
CA GLU C 12 46.19 14.75 -6.96
C GLU C 12 45.23 13.93 -6.09
N ARG C 13 45.75 13.39 -4.99
CA ARG C 13 44.96 12.60 -4.07
C ARG C 13 43.88 13.52 -3.48
N LEU C 14 44.18 14.81 -3.46
CA LEU C 14 43.24 15.80 -2.94
C LEU C 14 42.21 16.17 -4.00
N GLU C 15 42.68 16.40 -5.22
CA GLU C 15 41.82 16.79 -6.33
C GLU C 15 40.63 15.86 -6.58
N ARG C 16 40.90 14.57 -6.70
CA ARG C 16 39.86 13.58 -6.95
C ARG C 16 39.03 13.31 -5.70
N SER C 17 39.60 13.60 -4.54
CA SER C 17 38.87 13.39 -3.30
C SER C 17 37.81 14.47 -3.23
N SER C 18 38.06 15.57 -3.92
CA SER C 18 37.12 16.67 -3.96
C SER C 18 36.06 16.33 -4.99
N ARG C 19 36.44 15.49 -5.94
CA ARG C 19 35.55 15.05 -7.00
C ARG C 19 34.73 13.84 -6.54
N ARG C 20 34.98 13.41 -5.31
CA ARG C 20 34.26 12.30 -4.73
C ARG C 20 33.21 12.83 -3.76
N LEU C 21 33.43 14.07 -3.33
CA LEU C 21 32.51 14.78 -2.45
C LEU C 21 31.57 15.59 -3.33
N GLU C 22 31.95 15.75 -4.59
CA GLU C 22 31.10 16.47 -5.50
C GLU C 22 30.11 15.43 -6.01
N ALA C 23 30.61 14.23 -6.27
CA ALA C 23 29.74 13.17 -6.74
C ALA C 23 28.85 12.74 -5.58
N GLY C 24 29.47 12.54 -4.42
CA GLY C 24 28.73 12.14 -3.25
C GLY C 24 27.58 13.07 -2.95
N TYR C 25 27.72 14.30 -3.38
CA TYR C 25 26.69 15.31 -3.17
C TYR C 25 25.62 15.18 -4.24
N GLN C 26 26.06 15.05 -5.50
CA GLN C 26 25.13 14.92 -6.61
C GLN C 26 24.22 13.72 -6.41
N ILE C 27 24.80 12.60 -5.99
CA ILE C 27 24.04 11.38 -5.77
C ILE C 27 22.97 11.60 -4.69
N ALA C 28 23.37 12.19 -3.58
CA ALA C 28 22.45 12.45 -2.48
C ALA C 28 21.29 13.29 -2.99
N VAL C 29 21.59 14.47 -3.52
CA VAL C 29 20.53 15.33 -4.04
C VAL C 29 19.62 14.55 -4.97
N GLU C 30 20.21 13.71 -5.83
CA GLU C 30 19.41 12.92 -6.75
C GLU C 30 18.47 12.08 -5.89
N THR C 31 19.03 11.39 -4.88
CA THR C 31 18.26 10.53 -3.99
C THR C 31 17.13 11.26 -3.28
N GLU C 32 17.20 12.58 -3.21
CA GLU C 32 16.15 13.37 -2.57
C GLU C 32 14.93 13.48 -3.47
N GLN C 33 15.13 13.24 -4.77
CA GLN C 33 14.03 13.33 -5.73
C GLN C 33 13.30 12.00 -5.75
N ILE C 34 14.00 10.95 -5.36
CA ILE C 34 13.40 9.63 -5.30
C ILE C 34 12.61 9.54 -3.99
N GLY C 35 13.27 9.84 -2.89
CA GLY C 35 12.62 9.82 -1.60
C GLY C 35 11.33 10.61 -1.61
N GLN C 36 11.35 11.75 -2.29
CA GLN C 36 10.16 12.60 -2.38
C GLN C 36 9.12 11.88 -3.21
N GLU C 37 9.55 11.29 -4.32
CA GLU C 37 8.64 10.58 -5.19
C GLU C 37 7.91 9.48 -4.41
N MET C 38 8.63 8.75 -3.57
CA MET C 38 8.00 7.71 -2.76
C MET C 38 6.89 8.31 -1.90
N LEU C 39 7.18 9.46 -1.28
CA LEU C 39 6.19 10.12 -0.42
C LEU C 39 4.95 10.55 -1.20
N GLU C 40 5.16 10.94 -2.45
CA GLU C 40 4.04 11.33 -3.30
C GLU C 40 3.26 10.05 -3.62
N ASN C 41 3.99 8.99 -3.91
CA ASN C 41 3.46 7.67 -4.26
C ASN C 41 2.65 7.06 -3.11
N LEU C 42 3.21 7.07 -1.91
CA LEU C 42 2.56 6.51 -0.73
C LEU C 42 1.28 7.26 -0.35
N SER C 43 1.30 8.57 -0.52
CA SER C 43 0.13 9.37 -0.21
C SER C 43 -0.99 8.95 -1.16
N HIS C 44 -0.62 8.75 -2.41
CA HIS C 44 -1.56 8.36 -3.44
C HIS C 44 -2.18 7.01 -3.11
N ASP C 45 -1.36 6.08 -2.66
CA ASP C 45 -1.84 4.75 -2.31
C ASP C 45 -2.72 4.83 -1.08
N ARG C 46 -2.26 5.59 -0.08
CA ARG C 46 -3.02 5.79 1.14
C ARG C 46 -4.40 6.34 0.80
N GLU C 47 -4.47 7.14 -0.25
CA GLU C 47 -5.73 7.72 -0.67
C GLU C 47 -6.59 6.61 -1.27
N ARG C 48 -6.01 5.82 -2.16
CA ARG C 48 -6.74 4.72 -2.79
C ARG C 48 -7.23 3.66 -1.79
N ILE C 49 -6.45 3.39 -0.76
CA ILE C 49 -6.87 2.43 0.26
C ILE C 49 -8.06 3.01 1.04
N GLN C 50 -8.01 4.30 1.36
CA GLN C 50 -9.12 4.91 2.10
C GLN C 50 -10.35 4.94 1.21
N ARG C 51 -10.17 5.20 -0.06
CA ARG C 51 -11.28 5.22 -0.98
C ARG C 51 -11.94 3.84 -1.01
N ALA C 52 -11.12 2.79 -1.00
CA ALA C 52 -11.60 1.40 -1.05
C ALA C 52 -12.28 0.99 0.23
N ARG C 53 -11.73 1.45 1.36
CA ARG C 53 -12.31 1.16 2.66
C ARG C 53 -13.67 1.80 2.67
N GLU C 54 -13.77 2.97 2.05
CA GLU C 54 -15.02 3.70 1.97
C GLU C 54 -16.03 2.94 1.14
N ARG C 55 -15.60 2.48 -0.03
CA ARG C 55 -16.45 1.73 -0.97
C ARG C 55 -16.93 0.43 -0.35
N LEU C 56 -16.16 -0.07 0.60
CA LEU C 56 -16.49 -1.30 1.27
C LEU C 56 -17.64 -1.02 2.23
N ARG C 57 -17.57 0.11 2.91
CA ARG C 57 -18.63 0.47 3.85
C ARG C 57 -19.94 0.63 3.10
N GLU C 58 -19.87 1.10 1.87
CA GLU C 58 -21.08 1.26 1.08
C GLU C 58 -21.61 -0.10 0.69
N THR C 59 -20.71 -1.05 0.48
CA THR C 59 -21.10 -2.43 0.15
C THR C 59 -21.82 -2.98 1.38
N ASP C 60 -21.35 -2.58 2.56
CA ASP C 60 -21.95 -2.99 3.81
C ASP C 60 -23.36 -2.42 3.91
N ALA C 61 -23.52 -1.14 3.61
CA ALA C 61 -24.83 -0.51 3.66
C ALA C 61 -25.81 -1.30 2.81
N ASN C 62 -25.34 -1.82 1.67
CA ASN C 62 -26.20 -2.60 0.81
C ASN C 62 -26.40 -4.02 1.29
N LEU C 63 -25.45 -4.56 2.04
CA LEU C 63 -25.68 -5.89 2.55
C LEU C 63 -26.74 -5.74 3.63
N GLY C 64 -26.74 -4.57 4.29
CA GLY C 64 -27.72 -4.30 5.33
C GLY C 64 -29.10 -4.29 4.71
N LYS C 65 -29.21 -3.56 3.61
CA LYS C 65 -30.45 -3.42 2.88
C LYS C 65 -30.98 -4.77 2.39
N SER C 66 -30.09 -5.61 1.85
CA SER C 66 -30.47 -6.92 1.36
C SER C 66 -30.92 -7.81 2.52
N SER C 67 -30.26 -7.68 3.65
CA SER C 67 -30.61 -8.44 4.84
C SER C 67 -32.01 -8.06 5.30
N ARG C 68 -32.29 -6.77 5.35
CA ARG C 68 -33.63 -6.36 5.75
C ARG C 68 -34.66 -6.90 4.72
N ILE C 69 -34.41 -6.74 3.42
CA ILE C 69 -35.35 -7.23 2.41
C ILE C 69 -35.62 -8.71 2.55
N LEU C 70 -34.56 -9.48 2.81
CA LEU C 70 -34.70 -10.93 2.95
C LEU C 70 -35.52 -11.34 4.15
N THR C 71 -35.31 -10.62 5.24
CA THR C 71 -36.06 -10.86 6.46
C THR C 71 -37.53 -10.68 6.10
N GLY C 72 -37.82 -9.55 5.47
CA GLY C 72 -39.17 -9.21 5.06
C GLY C 72 -39.78 -10.29 4.20
N MET C 73 -38.99 -10.89 3.31
CA MET C 73 -39.49 -11.93 2.45
C MET C 73 -39.77 -13.17 3.27
N LEU C 74 -38.86 -13.47 4.19
CA LEU C 74 -38.97 -14.62 5.10
C LEU C 74 -40.27 -14.55 5.90
N ARG C 75 -40.72 -13.32 6.16
CA ARG C 75 -41.94 -13.13 6.91
C ARG C 75 -43.12 -13.52 6.03
N ARG C 76 -43.29 -12.85 4.90
CA ARG C 76 -44.38 -13.14 3.99
C ARG C 76 -44.43 -14.58 3.45
N ILE C 77 -43.40 -15.37 3.74
CA ILE C 77 -43.39 -16.75 3.29
C ILE C 77 -44.26 -17.60 4.22
N ILE C 78 -44.42 -17.14 5.45
CA ILE C 78 -45.24 -17.83 6.43
C ILE C 78 -46.61 -17.17 6.35
N GLN C 79 -46.88 -16.54 5.20
CA GLN C 79 -48.16 -15.86 4.96
C GLN C 79 -48.40 -14.77 6.01
N ASP D 18 37.97 21.61 0.12
CA ASP D 18 37.34 22.78 0.80
C ASP D 18 36.61 22.30 2.04
N GLU D 19 35.31 22.08 1.89
CA GLU D 19 34.42 21.61 2.95
C GLU D 19 33.02 21.70 2.34
N GLN D 20 32.83 20.90 1.30
CA GLN D 20 31.57 20.78 0.59
C GLN D 20 30.92 19.59 1.28
N LEU D 21 31.61 19.14 2.33
CA LEU D 21 31.17 18.04 3.16
C LEU D 21 29.99 18.54 3.97
N GLU D 22 29.85 19.86 3.98
CA GLU D 22 28.75 20.52 4.67
C GLU D 22 27.56 20.36 3.74
N LEU D 23 27.79 20.52 2.44
CA LEU D 23 26.76 20.36 1.40
C LEU D 23 26.27 18.92 1.34
N VAL D 24 27.17 17.99 1.66
CA VAL D 24 26.84 16.57 1.66
C VAL D 24 26.05 16.29 2.92
N SER D 25 26.53 16.83 4.04
CA SER D 25 25.86 16.62 5.32
C SER D 25 24.45 17.18 5.33
N GLY D 26 24.26 18.27 4.61
CA GLY D 26 22.94 18.86 4.55
C GLY D 26 22.08 17.93 3.73
N SER D 27 22.53 17.67 2.51
CA SER D 27 21.82 16.81 1.59
C SER D 27 21.38 15.52 2.25
N ILE D 28 22.31 14.87 2.94
CA ILE D 28 22.02 13.61 3.61
C ILE D 28 21.00 13.79 4.72
N GLY D 29 21.16 14.86 5.50
CA GLY D 29 20.23 15.13 6.59
C GLY D 29 18.81 14.98 6.11
N VAL D 30 18.52 15.61 4.96
CA VAL D 30 17.19 15.56 4.35
C VAL D 30 16.81 14.11 4.08
N LEU D 31 17.74 13.35 3.49
CA LEU D 31 17.51 11.95 3.19
C LEU D 31 17.15 11.27 4.50
N LYS D 32 17.85 11.70 5.56
CA LYS D 32 17.60 11.16 6.89
C LYS D 32 16.22 11.59 7.34
N ASN D 33 15.72 12.68 6.76
CA ASN D 33 14.40 13.18 7.09
C ASN D 33 13.37 12.41 6.31
N MET D 34 13.59 12.34 5.01
CA MET D 34 12.66 11.65 4.12
C MET D 34 12.53 10.18 4.46
N SER D 35 13.62 9.55 4.86
CA SER D 35 13.55 8.14 5.17
C SER D 35 12.61 7.90 6.36
N GLN D 36 12.68 8.76 7.37
CA GLN D 36 11.82 8.60 8.54
C GLN D 36 10.34 8.85 8.30
N ARG D 37 10.02 9.90 7.57
CA ARG D 37 8.63 10.20 7.25
C ARG D 37 8.04 9.03 6.47
N ILE D 38 8.89 8.34 5.72
CA ILE D 38 8.53 7.18 4.92
C ILE D 38 8.22 6.02 5.84
N GLY D 39 9.08 5.84 6.85
CA GLY D 39 8.88 4.77 7.80
C GLY D 39 7.62 5.02 8.62
N GLY D 40 7.37 6.28 8.93
CA GLY D 40 6.19 6.65 9.70
C GLY D 40 4.93 6.37 8.93
N GLU D 41 4.91 6.84 7.68
CA GLU D 41 3.79 6.63 6.78
C GLU D 41 3.58 5.13 6.53
N LEU D 42 4.67 4.38 6.40
CA LEU D 42 4.54 2.96 6.17
C LEU D 42 3.93 2.28 7.39
N GLU D 43 4.30 2.74 8.57
CA GLU D 43 3.76 2.16 9.79
C GLU D 43 2.29 2.50 9.93
N GLU D 44 1.93 3.72 9.51
CA GLU D 44 0.56 4.19 9.55
C GLU D 44 -0.35 3.45 8.59
N GLN D 45 0.20 3.09 7.43
CA GLN D 45 -0.56 2.34 6.46
C GLN D 45 -0.68 0.89 6.90
N ALA D 46 0.34 0.41 7.60
CA ALA D 46 0.29 -0.95 8.12
C ALA D 46 -0.94 -1.07 9.01
N VAL D 47 -1.15 -0.08 9.86
CA VAL D 47 -2.34 -0.10 10.73
C VAL D 47 -3.55 -0.04 9.84
N MET D 48 -3.58 0.94 8.95
CA MET D 48 -4.69 1.14 8.05
C MET D 48 -5.01 -0.09 7.19
N LEU D 49 -4.00 -0.90 6.87
CA LEU D 49 -4.23 -2.09 6.06
C LEU D 49 -4.77 -3.26 6.87
N GLU D 50 -4.41 -3.30 8.14
CA GLU D 50 -4.89 -4.36 8.98
C GLU D 50 -6.34 -4.06 9.27
N ASP D 51 -6.66 -2.77 9.32
CA ASP D 51 -8.03 -2.33 9.56
C ASP D 51 -8.87 -2.73 8.35
N PHE D 52 -8.38 -2.39 7.16
CA PHE D 52 -9.05 -2.73 5.90
C PHE D 52 -9.22 -4.25 5.83
N SER D 53 -8.20 -4.97 6.24
CA SER D 53 -8.32 -6.41 6.24
C SER D 53 -9.48 -6.87 7.11
N HIS D 54 -9.63 -6.29 8.30
CA HIS D 54 -10.70 -6.71 9.21
C HIS D 54 -12.09 -6.34 8.73
N GLU D 55 -12.20 -5.20 8.08
CA GLU D 55 -13.48 -4.77 7.56
C GLU D 55 -13.86 -5.73 6.43
N LEU D 56 -12.87 -6.14 5.62
CA LEU D 56 -13.10 -7.08 4.55
C LEU D 56 -13.68 -8.35 5.13
N GLU D 57 -13.01 -8.89 6.15
CA GLU D 57 -13.47 -10.11 6.83
C GLU D 57 -14.90 -9.98 7.34
N SER D 58 -15.22 -8.79 7.83
CA SER D 58 -16.54 -8.50 8.33
C SER D 58 -17.53 -8.56 7.17
N THR D 59 -17.27 -7.77 6.13
CA THR D 59 -18.15 -7.75 4.96
C THR D 59 -18.37 -9.15 4.40
N GLN D 60 -17.31 -9.96 4.39
CA GLN D 60 -17.44 -11.33 3.91
C GLN D 60 -18.49 -12.02 4.76
N SER D 61 -18.36 -11.85 6.08
CA SER D 61 -19.30 -12.44 7.02
C SER D 61 -20.72 -12.00 6.71
N ARG D 62 -20.90 -10.71 6.53
CA ARG D 62 -22.21 -10.18 6.22
C ARG D 62 -22.75 -10.81 4.94
N LEU D 63 -21.89 -10.98 3.96
CA LEU D 63 -22.30 -11.59 2.70
C LEU D 63 -22.75 -13.02 2.94
N ASP D 64 -21.99 -13.74 3.76
CA ASP D 64 -22.29 -15.15 4.07
C ASP D 64 -23.62 -15.30 4.78
N ASN D 65 -23.93 -14.36 5.65
CA ASN D 65 -25.19 -14.43 6.36
C ASN D 65 -26.31 -14.02 5.43
N VAL D 66 -26.04 -13.06 4.56
CA VAL D 66 -27.03 -12.60 3.62
C VAL D 66 -27.34 -13.68 2.60
N MET D 67 -26.32 -14.44 2.22
CA MET D 67 -26.56 -15.49 1.25
C MET D 67 -27.27 -16.66 1.86
N LYS D 68 -27.04 -16.90 3.15
CA LYS D 68 -27.74 -17.98 3.82
C LYS D 68 -29.22 -17.62 3.93
N LYS D 69 -29.51 -16.37 4.29
CA LYS D 69 -30.89 -15.90 4.40
C LYS D 69 -31.58 -16.15 3.07
N LEU D 70 -30.83 -15.87 1.99
CA LEU D 70 -31.31 -16.01 0.63
C LEU D 70 -31.64 -17.46 0.31
N ALA D 71 -30.64 -18.31 0.45
CA ALA D 71 -30.80 -19.73 0.19
C ALA D 71 -32.02 -20.23 0.98
N LYS D 72 -32.21 -19.69 2.18
CA LYS D 72 -33.35 -20.08 3.01
C LYS D 72 -34.68 -19.67 2.40
N VAL D 73 -34.78 -18.42 1.98
CA VAL D 73 -36.00 -17.92 1.35
C VAL D 73 -36.24 -18.70 0.07
N SER D 74 -35.18 -18.97 -0.67
CA SER D 74 -35.32 -19.70 -1.93
C SER D 74 -35.98 -21.05 -1.71
N HIS D 75 -35.89 -21.57 -0.48
CA HIS D 75 -36.49 -22.85 -0.15
C HIS D 75 -37.86 -22.68 0.44
N MET D 76 -37.96 -21.77 1.40
CA MET D 76 -39.22 -21.47 2.09
C MET D 76 -40.42 -21.29 1.16
N THR D 77 -40.16 -21.00 -0.11
CA THR D 77 -41.22 -20.81 -1.09
C THR D 77 -41.22 -21.85 -2.20
N SER D 78 -40.21 -21.86 -3.04
CA SER D 78 -40.15 -22.83 -4.13
C SER D 78 -39.70 -24.19 -3.62
N ASP D 79 -40.38 -24.67 -2.59
CA ASP D 79 -40.07 -25.96 -1.99
C ASP D 79 -41.21 -26.19 -0.97
N ARG D 80 -42.28 -25.45 -1.20
CA ARG D 80 -43.47 -25.49 -0.37
C ARG D 80 -44.70 -25.40 -1.28
#